data_4L0B
#
_entry.id   4L0B
#
_cell.length_a   91.270
_cell.length_b   97.970
_cell.length_c   118.290
_cell.angle_alpha   90.00
_cell.angle_beta   90.00
_cell.angle_gamma   90.00
#
_symmetry.space_group_name_H-M   'C 2 2 21'
#
loop_
_entity.id
_entity.type
_entity.pdbx_description
1 polymer Tankyrase-2
2 polymer Tankyrase-2
3 non-polymer 'ZINC ION'
4 non-polymer 'SULFATE ION'
5 non-polymer 2-[4-(dimethylamino)phenyl]-4H-chromen-4-one
6 non-polymer GLYCEROL
7 water water
#
loop_
_entity_poly.entity_id
_entity_poly.type
_entity_poly.pdbx_seq_one_letter_code
_entity_poly.pdbx_strand_id
1 'polypeptide(L)'
;MHHHHHHSSGVDLGTENLYFQSMLNTSGSGTILIDLSPDDKEFQSVEEEMQSTVREHRDGGHAGGIFNRYNILKIQKVCN
KKLWERYTHRRKEVSEENHNHANERMLFHGSPFVNAIIHKGFDERHAYIGGMFGAGIYFAENSSKSNQYVYGIGGGTGCP
VHKDRSCYICHRQLLFCRVTLGKSFLQFSAM
;
A,B
2 'polypeptide(L)' KMAHSPPGHHSVTGRPSVNGLALAEYVIYRGEQAYPEYLITYQIMRPEG C,D
#
loop_
_chem_comp.id
_chem_comp.type
_chem_comp.name
_chem_comp.formula
1UT non-polymer 2-[4-(dimethylamino)phenyl]-4H-chromen-4-one 'C17 H15 N O2'
GOL non-polymer GLYCEROL 'C3 H8 O3'
SO4 non-polymer 'SULFATE ION' 'O4 S -2'
ZN non-polymer 'ZINC ION' 'Zn 2'
#
# COMPACT_ATOMS: atom_id res chain seq x y z
N GLY A 30 0.60 -34.51 15.75
CA GLY A 30 -0.48 -35.25 15.10
C GLY A 30 -0.61 -34.98 13.61
N THR A 31 0.28 -34.18 13.02
CA THR A 31 0.17 -33.88 11.61
C THR A 31 0.82 -34.99 10.78
N ILE A 32 0.11 -35.46 9.76
CA ILE A 32 0.77 -36.20 8.71
C ILE A 32 0.55 -35.53 7.36
N LEU A 33 1.56 -35.65 6.51
CA LEU A 33 1.56 -35.10 5.20
C LEU A 33 1.43 -36.23 4.17
N ILE A 34 0.38 -36.15 3.34
CA ILE A 34 0.16 -37.14 2.28
C ILE A 34 0.49 -36.53 0.93
N ASP A 35 1.45 -37.11 0.22
CA ASP A 35 1.78 -36.64 -1.12
C ASP A 35 0.71 -36.91 -2.10
N LEU A 36 0.42 -35.93 -2.93
CA LEU A 36 -0.48 -36.15 -4.00
C LEU A 36 0.28 -36.48 -5.25
N SER A 37 -0.21 -37.45 -6.01
CA SER A 37 0.33 -37.69 -7.34
C SER A 37 -0.01 -36.56 -8.31
N PRO A 38 0.91 -36.21 -9.21
CA PRO A 38 0.55 -35.29 -10.28
C PRO A 38 -0.61 -35.73 -11.18
N ASP A 39 -0.91 -37.03 -11.18
CA ASP A 39 -2.00 -37.62 -11.95
C ASP A 39 -3.33 -37.45 -11.24
N ASP A 40 -3.32 -37.03 -10.00
CA ASP A 40 -4.52 -36.92 -9.20
C ASP A 40 -5.22 -35.62 -9.57
N LYS A 41 -6.53 -35.70 -9.82
CA LYS A 41 -7.28 -34.49 -10.15
C LYS A 41 -7.13 -33.39 -9.08
N GLU A 42 -6.98 -33.78 -7.81
CA GLU A 42 -6.84 -32.84 -6.72
C GLU A 42 -5.47 -32.10 -6.81
N PHE A 43 -4.40 -32.80 -7.18
CA PHE A 43 -3.12 -32.16 -7.47
C PHE A 43 -3.29 -31.14 -8.58
N GLN A 44 -3.93 -31.57 -9.66
CA GLN A 44 -4.07 -30.74 -10.81
C GLN A 44 -4.90 -29.50 -10.57
N SER A 45 -5.97 -29.62 -9.80
CA SER A 45 -6.81 -28.43 -9.50
C SER A 45 -6.10 -27.43 -8.57
N VAL A 46 -5.33 -27.93 -7.61
CA VAL A 46 -4.48 -27.07 -6.73
C VAL A 46 -3.38 -26.40 -7.53
N GLU A 47 -2.69 -27.14 -8.42
CA GLU A 47 -1.68 -26.54 -9.27
C GLU A 47 -2.30 -25.45 -10.12
N GLU A 48 -3.48 -25.71 -10.71
CA GLU A 48 -4.08 -24.73 -11.60
C GLU A 48 -4.39 -23.42 -10.83
N GLU A 49 -4.86 -23.53 -9.59
CA GLU A 49 -5.11 -22.33 -8.78
C GLU A 49 -3.84 -21.58 -8.48
N MET A 50 -2.74 -22.30 -8.17
CA MET A 50 -1.41 -21.67 -8.04
C MET A 50 -1.00 -20.86 -9.27
N GLN A 51 -1.01 -21.54 -10.43
CA GLN A 51 -0.46 -20.98 -11.62
C GLN A 51 -1.35 -19.86 -12.16
N SER A 52 -2.66 -20.03 -12.11
CA SER A 52 -3.55 -19.12 -12.77
C SER A 52 -3.74 -17.83 -12.01
N THR A 53 -3.32 -17.78 -10.73
CA THR A 53 -3.50 -16.54 -9.95
C THR A 53 -2.17 -15.81 -9.77
N VAL A 54 -1.17 -16.14 -10.56
CA VAL A 54 0.06 -15.33 -10.67
C VAL A 54 -0.30 -13.99 -11.37
N ARG A 55 0.20 -12.89 -10.82
CA ARG A 55 0.11 -11.56 -11.49
C ARG A 55 1.39 -10.82 -11.36
N GLU A 56 1.50 -9.70 -12.09
CA GLU A 56 2.62 -8.78 -11.89
C GLU A 56 2.35 -7.93 -10.66
N HIS A 57 3.42 -7.57 -9.99
CA HIS A 57 3.38 -6.80 -8.76
C HIS A 57 3.97 -5.44 -8.97
N ARG A 58 3.44 -4.46 -8.22
CA ARG A 58 3.80 -3.05 -8.43
C ARG A 58 5.24 -2.74 -8.00
N ASP A 59 5.86 -3.67 -7.26
CA ASP A 59 7.28 -3.59 -6.92
C ASP A 59 8.29 -4.10 -7.94
N GLY A 60 7.80 -4.46 -9.11
CA GLY A 60 8.61 -4.97 -10.19
C GLY A 60 9.33 -6.27 -9.90
N GLY A 61 8.85 -6.97 -8.85
CA GLY A 61 9.45 -8.19 -8.37
C GLY A 61 10.37 -8.07 -7.17
N HIS A 62 10.44 -6.89 -6.57
CA HIS A 62 11.37 -6.69 -5.48
C HIS A 62 11.19 -7.74 -4.37
N ALA A 63 9.94 -7.90 -3.93
CA ALA A 63 9.66 -8.71 -2.74
C ALA A 63 9.69 -10.18 -3.05
N GLY A 64 9.02 -10.58 -4.13
CA GLY A 64 8.79 -11.97 -4.42
C GLY A 64 9.62 -12.57 -5.53
N GLY A 65 10.32 -11.74 -6.31
CA GLY A 65 10.99 -12.21 -7.49
C GLY A 65 10.31 -11.94 -8.80
N ILE A 66 11.04 -12.14 -9.91
CA ILE A 66 10.52 -11.92 -11.26
C ILE A 66 10.15 -13.27 -11.86
N PHE A 67 8.87 -13.47 -12.17
CA PHE A 67 8.39 -14.74 -12.74
C PHE A 67 6.96 -14.60 -13.19
N ASN A 68 6.55 -15.45 -14.14
CA ASN A 68 5.18 -15.50 -14.58
C ASN A 68 4.51 -16.80 -14.23
N ARG A 69 5.29 -17.78 -13.78
CA ARG A 69 4.77 -19.08 -13.47
C ARG A 69 5.74 -19.82 -12.53
N TYR A 70 5.28 -20.92 -11.99
CA TYR A 70 6.04 -21.72 -11.07
C TYR A 70 6.39 -23.11 -11.64
N ASN A 71 7.43 -23.68 -11.05
CA ASN A 71 7.72 -25.13 -11.14
C ASN A 71 7.22 -25.76 -9.88
N ILE A 72 6.09 -26.45 -9.95
CA ILE A 72 5.54 -27.13 -8.79
C ILE A 72 6.31 -28.41 -8.57
N LEU A 73 6.86 -28.58 -7.39
CA LEU A 73 7.70 -29.73 -7.06
C LEU A 73 6.93 -30.81 -6.28
N LYS A 74 6.03 -30.37 -5.43
CA LYS A 74 5.30 -31.25 -4.58
C LYS A 74 4.02 -30.58 -4.09
N ILE A 75 2.95 -31.37 -3.99
CA ILE A 75 1.75 -30.91 -3.28
C ILE A 75 1.35 -32.00 -2.28
N GLN A 76 1.30 -31.64 -1.02
CA GLN A 76 0.93 -32.51 0.10
C GLN A 76 -0.34 -32.07 0.79
N LYS A 77 -1.21 -33.02 1.10
CA LYS A 77 -2.38 -32.80 1.92
C LYS A 77 -1.99 -32.84 3.39
N VAL A 78 -2.41 -31.83 4.13
CA VAL A 78 -2.07 -31.68 5.53
C VAL A 78 -3.23 -32.28 6.29
N CYS A 79 -2.94 -33.31 7.08
CA CYS A 79 -3.95 -34.04 7.84
CA CYS A 79 -3.94 -34.05 7.83
C CYS A 79 -3.66 -33.96 9.32
N ASN A 80 -4.49 -33.22 10.05
CA ASN A 80 -4.40 -33.15 11.51
C ASN A 80 -5.80 -33.08 12.11
N LYS A 81 -6.24 -34.14 12.77
CA LYS A 81 -7.61 -34.26 13.27
C LYS A 81 -7.94 -33.15 14.28
N LYS A 82 -7.06 -32.89 15.24
CA LYS A 82 -7.33 -31.87 16.23
C LYS A 82 -7.46 -30.47 15.60
N LEU A 83 -6.56 -30.14 14.68
CA LEU A 83 -6.59 -28.83 14.03
C LEU A 83 -7.85 -28.70 13.15
N TRP A 84 -8.22 -29.80 12.49
CA TRP A 84 -9.42 -29.81 11.63
C TRP A 84 -10.68 -29.57 12.47
N GLU A 85 -10.77 -30.24 13.60
CA GLU A 85 -11.92 -30.13 14.47
C GLU A 85 -12.01 -28.74 15.10
N ARG A 86 -10.84 -28.15 15.41
CA ARG A 86 -10.76 -26.77 15.88
C ARG A 86 -11.33 -25.81 14.79
N TYR A 87 -10.93 -26.04 13.54
CA TYR A 87 -11.47 -25.29 12.41
C TYR A 87 -13.00 -25.48 12.26
N THR A 88 -13.49 -26.71 12.29
CA THR A 88 -14.93 -26.94 12.00
C THR A 88 -15.80 -26.44 13.13
N HIS A 89 -15.28 -26.50 14.36
CA HIS A 89 -15.99 -25.94 15.52
C HIS A 89 -16.22 -24.47 15.31
N ARG A 90 -15.16 -23.75 14.93
CA ARG A 90 -15.27 -22.30 14.78
C ARG A 90 -16.13 -21.95 13.56
N ARG A 91 -16.00 -22.76 12.52
CA ARG A 91 -16.78 -22.56 11.30
C ARG A 91 -18.29 -22.61 11.58
N LYS A 92 -18.71 -23.55 12.42
CA LYS A 92 -20.12 -23.68 12.81
C LYS A 92 -20.56 -22.47 13.63
N GLU A 93 -19.74 -22.01 14.53
CA GLU A 93 -20.08 -20.82 15.28
C GLU A 93 -20.31 -19.60 14.35
N VAL A 94 -19.36 -19.37 13.45
CA VAL A 94 -19.49 -18.31 12.47
C VAL A 94 -20.74 -18.48 11.60
N SER A 95 -20.94 -19.67 11.07
CA SER A 95 -22.08 -19.97 10.26
C SER A 95 -23.41 -19.61 10.97
N GLU A 96 -23.53 -20.04 12.22
CA GLU A 96 -24.73 -19.75 13.00
C GLU A 96 -24.94 -18.28 13.28
N GLU A 97 -23.85 -17.50 13.27
CA GLU A 97 -23.94 -16.04 13.38
C GLU A 97 -24.19 -15.29 12.04
N ASN A 98 -24.31 -16.05 10.94
CA ASN A 98 -24.36 -15.43 9.61
C ASN A 98 -25.26 -16.25 8.71
N HIS A 99 -26.51 -16.44 9.18
CA HIS A 99 -27.56 -17.14 8.42
C HIS A 99 -27.11 -18.45 7.78
N ASN A 100 -26.42 -19.24 8.57
CA ASN A 100 -25.90 -20.55 8.13
C ASN A 100 -24.98 -20.50 6.91
N HIS A 101 -24.16 -19.48 6.90
CA HIS A 101 -23.20 -19.25 5.81
C HIS A 101 -21.81 -18.92 6.37
N ALA A 102 -20.92 -19.89 6.26
CA ALA A 102 -19.54 -19.71 6.72
C ALA A 102 -18.74 -18.82 5.81
N ASN A 103 -19.15 -18.66 4.53
CA ASN A 103 -18.42 -17.86 3.54
C ASN A 103 -16.98 -18.36 3.51
N GLU A 104 -16.86 -19.66 3.21
CA GLU A 104 -15.60 -20.33 3.22
C GLU A 104 -14.90 -20.22 1.85
N ARG A 105 -13.62 -19.85 1.89
CA ARG A 105 -12.82 -19.68 0.70
C ARG A 105 -11.57 -20.60 0.78
N MET A 106 -10.94 -20.81 -0.36
CA MET A 106 -9.61 -21.40 -0.44
C MET A 106 -8.63 -20.30 -0.89
N LEU A 107 -7.64 -20.04 -0.02
CA LEU A 107 -6.79 -18.86 -0.17
C LEU A 107 -5.32 -19.22 0.14
N PHE A 108 -4.39 -18.47 -0.43
CA PHE A 108 -2.95 -18.71 -0.19
C PHE A 108 -2.44 -17.98 1.04
N HIS A 109 -1.41 -18.56 1.67
CA HIS A 109 -0.69 -17.94 2.75
C HIS A 109 0.78 -18.33 2.56
N GLY A 110 1.63 -17.31 2.54
CA GLY A 110 3.08 -17.50 2.49
C GLY A 110 3.73 -17.03 3.77
N SER A 111 4.59 -17.85 4.37
CA SER A 111 5.18 -17.47 5.65
C SER A 111 6.46 -18.24 5.91
N PRO A 112 7.41 -17.61 6.58
CA PRO A 112 8.58 -18.33 7.13
C PRO A 112 8.17 -19.38 8.13
N PHE A 113 6.95 -19.30 8.67
CA PHE A 113 6.50 -20.24 9.69
C PHE A 113 5.58 -21.36 9.22
N VAL A 114 5.59 -21.63 7.93
CA VAL A 114 4.75 -22.66 7.37
C VAL A 114 4.92 -24.00 8.12
N ASN A 115 6.15 -24.33 8.50
CA ASN A 115 6.34 -25.58 9.27
C ASN A 115 5.68 -25.55 10.64
N ALA A 116 5.76 -24.45 11.40
CA ALA A 116 4.97 -24.34 12.62
C ALA A 116 3.44 -24.40 12.39
N ILE A 117 2.99 -23.76 11.32
CA ILE A 117 1.53 -23.72 11.07
C ILE A 117 0.97 -25.10 10.83
N ILE A 118 1.65 -25.91 10.02
CA ILE A 118 1.07 -27.20 9.65
C ILE A 118 1.06 -28.18 10.85
N HIS A 119 1.92 -27.92 11.86
CA HIS A 119 1.97 -28.75 13.07
C HIS A 119 1.12 -28.28 14.22
N LYS A 120 1.01 -26.97 14.40
CA LYS A 120 0.37 -26.41 15.59
C LYS A 120 -0.83 -25.53 15.28
N GLY A 121 -1.07 -25.26 13.99
CA GLY A 121 -2.17 -24.40 13.59
C GLY A 121 -1.78 -22.93 13.51
N PHE A 122 -2.67 -22.15 12.94
CA PHE A 122 -2.51 -20.70 12.98
C PHE A 122 -2.79 -20.18 14.38
N ASP A 123 -2.03 -19.17 14.76
CA ASP A 123 -2.31 -18.40 15.98
C ASP A 123 -1.68 -17.00 15.90
N GLU A 124 -1.86 -16.21 16.96
CA GLU A 124 -1.34 -14.81 16.99
C GLU A 124 0.13 -14.60 16.61
N ARG A 125 0.96 -15.62 16.73
CA ARG A 125 2.34 -15.52 16.29
C ARG A 125 2.49 -15.48 14.76
N HIS A 126 1.41 -15.81 14.06
CA HIS A 126 1.41 -15.81 12.58
C HIS A 126 0.78 -14.56 11.99
N ALA A 127 0.45 -13.60 12.85
CA ALA A 127 -0.24 -12.36 12.46
C ALA A 127 0.72 -11.35 11.86
N TYR A 128 0.20 -10.52 10.97
CA TYR A 128 0.94 -9.43 10.38
C TYR A 128 0.60 -8.16 11.19
N ILE A 129 1.46 -7.88 12.17
CA ILE A 129 1.16 -6.86 13.16
C ILE A 129 1.03 -5.53 12.42
N GLY A 130 1.93 -5.28 11.47
CA GLY A 130 1.85 -4.03 10.72
C GLY A 130 1.03 -4.05 9.45
N GLY A 131 0.14 -5.03 9.27
CA GLY A 131 -0.68 -5.08 8.05
C GLY A 131 -1.67 -3.91 7.94
N MET A 132 -2.05 -3.59 6.72
CA MET A 132 -2.89 -2.40 6.48
C MET A 132 -4.31 -2.51 7.03
N PHE A 133 -4.72 -3.74 7.38
CA PHE A 133 -6.01 -3.99 7.99
C PHE A 133 -5.91 -4.43 9.40
N GLY A 134 -4.81 -4.11 10.06
CA GLY A 134 -4.63 -4.42 11.45
C GLY A 134 -3.92 -5.75 11.67
N ALA A 135 -3.65 -6.03 12.94
CA ALA A 135 -2.93 -7.20 13.34
C ALA A 135 -3.84 -8.42 13.25
N GLY A 136 -3.78 -9.07 12.10
CA GLY A 136 -4.46 -10.34 11.91
C GLY A 136 -3.65 -11.22 11.00
N ILE A 137 -4.24 -12.35 10.60
CA ILE A 137 -3.57 -13.31 9.79
C ILE A 137 -4.09 -13.11 8.37
N TYR A 138 -3.16 -12.93 7.45
CA TYR A 138 -3.48 -12.43 6.12
C TYR A 138 -3.43 -13.58 5.08
N PHE A 139 -4.37 -13.53 4.17
CA PHE A 139 -4.45 -14.50 3.04
C PHE A 139 -4.69 -13.81 1.71
N ALA A 140 -4.34 -14.43 0.58
CA ALA A 140 -4.48 -13.83 -0.74
C ALA A 140 -5.09 -14.77 -1.75
N GLU A 141 -5.91 -14.20 -2.64
CA GLU A 141 -6.37 -14.88 -3.86
C GLU A 141 -5.23 -15.09 -4.84
N ASN A 142 -4.36 -14.11 -4.97
CA ASN A 142 -3.19 -14.22 -5.83
C ASN A 142 -2.08 -15.03 -5.17
N SER A 143 -1.78 -16.21 -5.69
CA SER A 143 -0.63 -16.94 -5.13
C SER A 143 0.66 -16.10 -5.11
N SER A 144 0.84 -15.24 -6.14
CA SER A 144 2.02 -14.42 -6.25
C SER A 144 2.09 -13.35 -5.17
N LYS A 145 0.94 -12.92 -4.65
CA LYS A 145 0.92 -12.06 -3.46
C LYS A 145 1.46 -12.79 -2.22
N SER A 146 0.96 -13.98 -1.93
CA SER A 146 1.49 -14.80 -0.79
C SER A 146 2.96 -15.17 -0.99
N ASN A 147 3.37 -15.35 -2.25
CA ASN A 147 4.82 -15.57 -2.53
C ASN A 147 5.75 -14.45 -2.04
N GLN A 148 5.25 -13.22 -2.04
CA GLN A 148 6.01 -12.10 -1.52
C GLN A 148 6.31 -12.20 -0.02
N TYR A 149 5.66 -13.11 0.70
CA TYR A 149 5.84 -13.23 2.16
C TYR A 149 6.56 -14.50 2.61
N VAL A 150 6.92 -15.38 1.68
CA VAL A 150 7.55 -16.65 2.02
C VAL A 150 8.85 -16.47 2.80
N TYR A 151 9.64 -15.46 2.45
CA TYR A 151 10.90 -15.15 3.12
C TYR A 151 10.81 -14.01 4.09
N GLY A 152 9.59 -13.59 4.39
CA GLY A 152 9.36 -12.55 5.37
C GLY A 152 8.58 -11.40 4.73
N ILE A 153 8.29 -10.39 5.55
CA ILE A 153 7.61 -9.17 5.11
C ILE A 153 8.51 -8.52 4.08
N GLY A 154 7.92 -8.14 2.95
CA GLY A 154 8.68 -7.56 1.85
C GLY A 154 9.71 -8.52 1.24
N GLY A 155 9.58 -9.81 1.51
CA GLY A 155 10.54 -10.77 1.06
C GLY A 155 11.79 -10.91 1.95
N GLY A 156 11.85 -10.16 3.05
CA GLY A 156 12.95 -10.22 4.01
C GLY A 156 14.23 -10.01 3.24
N THR A 157 15.23 -10.85 3.52
CA THR A 157 16.50 -10.84 2.79
C THR A 157 16.55 -11.91 1.71
N GLY A 158 15.39 -12.42 1.32
CA GLY A 158 15.34 -13.49 0.33
C GLY A 158 15.71 -14.85 0.89
N CYS A 159 16.10 -15.75 0.01
CA CYS A 159 16.31 -17.13 0.41
C CYS A 159 17.43 -17.22 1.43
N PRO A 160 17.37 -18.22 2.33
CA PRO A 160 18.46 -18.34 3.31
C PRO A 160 19.85 -18.64 2.73
N VAL A 161 19.90 -19.34 1.61
CA VAL A 161 21.17 -19.80 1.07
C VAL A 161 21.87 -18.73 0.28
N HIS A 162 21.14 -18.01 -0.59
CA HIS A 162 21.73 -17.03 -1.50
C HIS A 162 21.38 -15.59 -1.21
N LYS A 163 20.53 -15.34 -0.22
CA LYS A 163 20.04 -13.99 0.09
C LYS A 163 19.46 -13.30 -1.15
N ASP A 164 18.68 -14.07 -1.91
CA ASP A 164 18.09 -13.60 -3.16
C ASP A 164 16.55 -13.71 -3.12
N ARG A 165 15.85 -12.57 -3.06
CA ARG A 165 14.36 -12.57 -3.09
C ARG A 165 13.82 -13.13 -4.38
N SER A 166 14.63 -13.09 -5.43
CA SER A 166 14.27 -13.67 -6.71
C SER A 166 14.97 -15.01 -7.00
N CYS A 167 15.32 -15.76 -5.95
CA CYS A 167 16.06 -17.02 -6.17
C CYS A 167 15.22 -17.98 -6.99
N TYR A 168 15.82 -18.50 -8.06
CA TYR A 168 15.18 -19.52 -8.91
C TYR A 168 15.59 -20.97 -8.59
N ILE A 169 16.52 -21.12 -7.66
CA ILE A 169 17.07 -22.42 -7.28
C ILE A 169 16.36 -22.98 -6.04
N CYS A 170 16.29 -22.16 -5.02
CA CYS A 170 15.82 -22.57 -3.70
C CYS A 170 14.31 -22.90 -3.73
N HIS A 171 13.97 -23.95 -2.98
CA HIS A 171 12.60 -24.43 -2.86
C HIS A 171 11.83 -23.58 -1.90
N ARG A 172 10.63 -23.17 -2.32
CA ARG A 172 9.74 -22.33 -1.55
C ARG A 172 8.51 -23.11 -1.18
N GLN A 173 7.83 -22.68 -0.12
CA GLN A 173 6.56 -23.31 0.23
C GLN A 173 5.43 -22.31 0.49
N LEU A 174 4.23 -22.61 -0.02
CA LEU A 174 3.03 -21.84 0.27
C LEU A 174 2.01 -22.81 0.86
N LEU A 175 1.10 -22.27 1.64
CA LEU A 175 -0.08 -23.00 2.05
C LEU A 175 -1.28 -22.56 1.23
N PHE A 176 -2.12 -23.53 0.84
CA PHE A 176 -3.42 -23.24 0.23
C PHE A 176 -4.43 -23.69 1.25
N CYS A 177 -5.15 -22.72 1.80
CA CYS A 177 -5.85 -22.86 3.05
C CYS A 177 -7.34 -22.72 2.93
N ARG A 178 -8.08 -23.44 3.78
CA ARG A 178 -9.53 -23.30 3.89
C ARG A 178 -9.78 -22.23 4.96
N VAL A 179 -10.45 -21.17 4.54
CA VAL A 179 -10.62 -19.98 5.40
C VAL A 179 -12.09 -19.62 5.56
N THR A 180 -12.56 -19.43 6.80
CA THR A 180 -13.93 -19.00 7.09
C THR A 180 -13.90 -17.48 7.18
N LEU A 181 -14.62 -16.81 6.28
CA LEU A 181 -14.71 -15.34 6.30
C LEU A 181 -15.91 -14.83 7.08
N GLY A 182 -16.97 -15.63 7.12
CA GLY A 182 -18.23 -15.19 7.68
C GLY A 182 -18.65 -13.87 7.05
N LYS A 183 -19.16 -12.99 7.89
CA LYS A 183 -19.50 -11.63 7.50
C LYS A 183 -18.24 -10.77 7.46
N SER A 184 -17.87 -10.37 6.24
CA SER A 184 -16.57 -9.76 6.02
C SER A 184 -16.74 -8.27 5.80
N PHE A 185 -15.98 -7.51 6.56
CA PHE A 185 -15.95 -6.05 6.39
C PHE A 185 -15.19 -5.66 5.12
N LEU A 186 -15.87 -4.96 4.22
CA LEU A 186 -15.29 -4.58 2.92
C LEU A 186 -14.52 -3.27 3.03
N GLN A 187 -13.20 -3.33 2.85
CA GLN A 187 -12.34 -2.17 2.83
C GLN A 187 -11.90 -1.95 1.41
N PHE A 188 -12.25 -0.81 0.83
CA PHE A 188 -11.77 -0.42 -0.49
C PHE A 188 -10.36 0.14 -0.20
N SER A 189 -9.38 -0.24 -0.97
CA SER A 189 -8.03 0.19 -0.62
C SER A 189 -7.19 0.20 -1.84
N ALA A 190 -6.21 1.11 -1.87
CA ALA A 190 -5.32 1.29 -3.04
C ALA A 190 -4.79 -0.04 -3.61
N MET B 2 -3.23 -10.14 18.71
CA MET B 2 -4.03 -9.87 17.52
C MET B 2 -5.15 -8.86 17.79
N ALA B 3 -5.49 -8.08 16.78
CA ALA B 3 -6.65 -7.17 16.87
C ALA B 3 -7.94 -7.99 16.85
N HIS B 4 -9.06 -7.29 16.96
CA HIS B 4 -10.37 -7.89 16.85
C HIS B 4 -10.95 -7.53 15.47
N SER B 5 -11.82 -8.40 14.98
CA SER B 5 -12.62 -8.10 13.79
C SER B 5 -13.42 -6.84 14.07
N PRO B 6 -13.74 -6.08 13.01
CA PRO B 6 -14.67 -4.99 13.24
C PRO B 6 -15.95 -5.49 13.86
N PRO B 7 -16.52 -4.71 14.80
CA PRO B 7 -17.76 -5.18 15.40
C PRO B 7 -18.83 -5.61 14.37
N GLY B 8 -19.44 -6.76 14.66
CA GLY B 8 -20.45 -7.34 13.80
C GLY B 8 -19.91 -8.11 12.59
N HIS B 9 -18.60 -8.35 12.54
CA HIS B 9 -17.92 -9.00 11.37
C HIS B 9 -16.95 -10.09 11.82
N HIS B 10 -16.63 -11.02 10.91
CA HIS B 10 -15.72 -12.13 11.24
C HIS B 10 -14.37 -12.07 10.53
N SER B 11 -14.21 -11.09 9.65
CA SER B 11 -13.02 -10.94 8.86
C SER B 11 -13.07 -9.56 8.21
N VAL B 12 -12.00 -9.22 7.54
CA VAL B 12 -11.91 -8.04 6.67
C VAL B 12 -11.49 -8.48 5.26
N THR B 13 -12.12 -7.88 4.27
CA THR B 13 -11.76 -8.04 2.87
C THR B 13 -11.08 -6.77 2.38
N GLY B 14 -9.87 -6.88 1.89
CA GLY B 14 -9.18 -5.79 1.27
C GLY B 14 -9.43 -5.83 -0.22
N ARG B 15 -10.32 -4.94 -0.71
CA ARG B 15 -10.67 -4.87 -2.12
CA ARG B 15 -10.67 -4.88 -2.13
C ARG B 15 -9.72 -3.94 -2.88
N PRO B 16 -9.05 -4.45 -3.91
CA PRO B 16 -8.19 -3.53 -4.67
C PRO B 16 -8.99 -2.39 -5.36
N SER B 17 -8.56 -1.13 -5.16
CA SER B 17 -9.20 0.11 -5.70
C SER B 17 -8.36 0.94 -6.72
N VAL B 18 -7.16 0.46 -7.08
CA VAL B 18 -6.27 1.15 -8.03
C VAL B 18 -5.81 0.20 -9.15
N ASN B 19 -5.19 -0.91 -8.72
CA ASN B 19 -4.68 -1.94 -9.61
C ASN B 19 -5.83 -2.81 -10.03
N GLY B 20 -6.29 -2.49 -11.24
CA GLY B 20 -7.30 -3.31 -11.87
C GLY B 20 -7.02 -4.77 -11.93
N LEU B 21 -5.76 -5.24 -11.89
CA LEU B 21 -5.56 -6.71 -12.08
C LEU B 21 -5.43 -7.51 -10.77
N ALA B 22 -5.31 -6.81 -9.65
CA ALA B 22 -5.13 -7.46 -8.34
C ALA B 22 -6.40 -8.14 -7.88
N LEU B 23 -6.25 -9.33 -7.29
CA LEU B 23 -7.33 -9.98 -6.60
C LEU B 23 -7.36 -9.54 -5.13
N ALA B 24 -8.41 -9.93 -4.44
CA ALA B 24 -8.63 -9.54 -3.05
C ALA B 24 -7.63 -10.24 -2.13
N GLU B 25 -7.47 -9.61 -0.98
CA GLU B 25 -6.72 -10.15 0.15
C GLU B 25 -7.64 -10.10 1.36
N TYR B 26 -7.40 -10.99 2.33
CA TYR B 26 -8.35 -11.17 3.42
C TYR B 26 -7.60 -11.28 4.75
N VAL B 27 -8.25 -10.83 5.84
CA VAL B 27 -7.69 -10.93 7.17
C VAL B 27 -8.68 -11.54 8.12
N ILE B 28 -8.20 -12.52 8.90
CA ILE B 28 -8.96 -13.11 10.00
C ILE B 28 -8.23 -12.77 11.30
N TYR B 29 -8.97 -12.81 12.37
CA TYR B 29 -8.42 -12.40 13.67
C TYR B 29 -8.48 -13.52 14.69
N ARG B 30 -8.77 -14.73 14.25
CA ARG B 30 -8.78 -15.94 15.10
C ARG B 30 -8.08 -17.00 14.26
N GLY B 31 -7.02 -17.61 14.80
CA GLY B 31 -6.31 -18.72 14.11
C GLY B 31 -7.22 -19.89 13.74
N GLU B 32 -8.29 -20.09 14.52
CA GLU B 32 -9.19 -21.20 14.29
C GLU B 32 -10.02 -21.01 13.05
N GLN B 33 -9.97 -19.82 12.44
CA GLN B 33 -10.74 -19.60 11.23
C GLN B 33 -10.03 -19.98 9.95
N ALA B 34 -8.90 -20.69 10.02
CA ALA B 34 -8.25 -21.19 8.81
C ALA B 34 -7.67 -22.57 9.10
N TYR B 35 -7.69 -23.44 8.09
CA TYR B 35 -7.06 -24.74 8.16
C TYR B 35 -6.05 -24.84 7.00
N PRO B 36 -4.79 -25.21 7.28
CA PRO B 36 -3.76 -25.25 6.26
C PRO B 36 -3.87 -26.56 5.48
N GLU B 37 -4.68 -26.60 4.43
CA GLU B 37 -5.07 -27.84 3.81
C GLU B 37 -4.03 -28.48 2.87
N TYR B 38 -3.33 -27.64 2.12
CA TYR B 38 -2.29 -28.11 1.21
C TYR B 38 -1.00 -27.34 1.43
N LEU B 39 0.09 -28.12 1.47
CA LEU B 39 1.45 -27.60 1.44
C LEU B 39 2.02 -27.77 0.06
N ILE B 40 2.34 -26.65 -0.56
CA ILE B 40 2.81 -26.62 -1.95
C ILE B 40 4.28 -26.23 -1.94
N THR B 41 5.12 -27.13 -2.46
CA THR B 41 6.55 -26.86 -2.59
C THR B 41 6.85 -26.54 -4.07
N TYR B 42 7.56 -25.45 -4.31
CA TYR B 42 7.74 -24.92 -5.66
C TYR B 42 9.00 -24.09 -5.81
N GLN B 43 9.33 -23.79 -7.04
CA GLN B 43 10.29 -22.77 -7.38
C GLN B 43 9.59 -21.75 -8.26
N ILE B 44 10.03 -20.49 -8.18
CA ILE B 44 9.60 -19.55 -9.18
C ILE B 44 10.43 -19.80 -10.44
N MET B 45 9.86 -19.56 -11.62
CA MET B 45 10.60 -19.82 -12.88
C MET B 45 11.08 -18.52 -13.52
N ARG B 46 12.32 -18.53 -14.01
CA ARG B 46 12.88 -17.36 -14.68
C ARG B 46 12.18 -17.22 -16.04
N PRO B 47 11.57 -16.05 -16.32
CA PRO B 47 10.97 -15.87 -17.64
C PRO B 47 12.01 -16.02 -18.74
N GLU B 48 11.59 -16.54 -19.88
CA GLU B 48 12.50 -16.79 -21.01
C GLU B 48 12.84 -15.51 -21.77
N GLY C 30 7.05 2.04 -16.34
CA GLY C 30 8.45 2.30 -15.88
C GLY C 30 8.55 2.48 -14.38
N THR C 31 7.42 2.65 -13.71
CA THR C 31 7.44 2.95 -12.28
C THR C 31 7.37 1.69 -11.47
N ILE C 32 8.23 1.59 -10.48
CA ILE C 32 8.10 0.58 -9.45
C ILE C 32 7.97 1.24 -8.10
N LEU C 33 7.22 0.60 -7.24
CA LEU C 33 7.02 1.05 -5.89
C LEU C 33 7.65 0.08 -4.91
N ILE C 34 8.49 0.60 -4.02
CA ILE C 34 9.19 -0.23 -3.04
C ILE C 34 8.70 0.11 -1.66
N ASP C 35 8.14 -0.86 -0.95
CA ASP C 35 7.67 -0.61 0.41
C ASP C 35 8.78 -0.34 1.35
N LEU C 36 8.60 0.66 2.20
CA LEU C 36 9.55 0.88 3.28
C LEU C 36 9.06 0.16 4.52
N SER C 37 9.98 -0.50 5.24
CA SER C 37 9.64 -1.06 6.54
C SER C 37 9.40 0.03 7.58
N PRO C 38 8.42 -0.16 8.46
CA PRO C 38 8.25 0.76 9.59
C PRO C 38 9.44 0.86 10.55
N ASP C 39 10.29 -0.16 10.55
CA ASP C 39 11.53 -0.14 11.35
C ASP C 39 12.67 0.59 10.68
N ASP C 40 12.46 1.06 9.46
CA ASP C 40 13.46 1.79 8.69
C ASP C 40 13.43 3.28 9.13
N LYS C 41 14.58 3.85 9.43
CA LYS C 41 14.67 5.29 9.71
C LYS C 41 14.01 6.16 8.63
N GLU C 42 14.09 5.75 7.38
CA GLU C 42 13.49 6.53 6.31
C GLU C 42 11.96 6.59 6.43
N PHE C 43 11.32 5.47 6.71
CA PHE C 43 9.88 5.44 6.98
C PHE C 43 9.53 6.36 8.15
N GLN C 44 10.31 6.24 9.22
CA GLN C 44 10.07 6.98 10.44
C GLN C 44 10.17 8.48 10.21
N SER C 45 11.11 8.89 9.38
CA SER C 45 11.32 10.29 9.04
C SER C 45 10.11 10.85 8.27
N VAL C 46 9.69 10.12 7.25
CA VAL C 46 8.53 10.52 6.47
C VAL C 46 7.29 10.57 7.31
N GLU C 47 7.07 9.57 8.16
CA GLU C 47 5.91 9.57 9.02
C GLU C 47 5.99 10.79 9.93
N GLU C 48 7.18 11.10 10.47
CA GLU C 48 7.27 12.26 11.38
C GLU C 48 6.99 13.58 10.63
N GLU C 49 7.45 13.71 9.39
CA GLU C 49 7.11 14.90 8.61
C GLU C 49 5.57 14.98 8.40
N MET C 50 4.91 13.86 8.08
CA MET C 50 3.43 13.88 8.02
C MET C 50 2.75 14.35 9.33
N GLN C 51 3.06 13.66 10.41
CA GLN C 51 2.40 13.88 11.70
C GLN C 51 2.69 15.28 12.26
N SER C 52 3.92 15.69 12.12
CA SER C 52 4.35 16.94 12.73
C SER C 52 3.84 18.17 12.02
N THR C 53 3.36 18.03 10.77
CA THR C 53 2.87 19.17 10.02
C THR C 53 1.34 19.20 9.87
N VAL C 54 0.66 18.45 10.70
CA VAL C 54 -0.81 18.62 10.80
C VAL C 54 -1.07 19.93 11.54
N ARG C 55 -2.03 20.72 11.07
CA ARG C 55 -2.52 21.87 11.78
C ARG C 55 -4.05 21.93 11.70
N GLU C 56 -4.63 22.83 12.48
CA GLU C 56 -6.05 23.18 12.34
C GLU C 56 -6.25 24.04 11.13
N HIS C 57 -7.41 23.85 10.51
CA HIS C 57 -7.76 24.57 9.32
C HIS C 57 -8.98 25.42 9.61
N ARG C 58 -9.02 26.58 8.97
CA ARG C 58 -10.00 27.60 9.26
C ARG C 58 -11.38 27.22 8.78
N ASP C 59 -11.49 26.18 7.94
CA ASP C 59 -12.79 25.64 7.55
C ASP C 59 -13.41 24.65 8.53
N GLY C 60 -12.78 24.50 9.70
CA GLY C 60 -13.27 23.62 10.75
C GLY C 60 -13.18 22.15 10.40
N GLY C 61 -12.43 21.80 9.37
CA GLY C 61 -12.41 20.41 8.87
C GLY C 61 -13.31 20.13 7.68
N HIS C 62 -13.99 21.13 7.13
CA HIS C 62 -14.90 20.91 6.01
C HIS C 62 -14.28 20.15 4.84
N ALA C 63 -13.11 20.59 4.37
CA ALA C 63 -12.53 20.01 3.18
C ALA C 63 -11.81 18.70 3.47
N GLY C 64 -10.99 18.69 4.49
CA GLY C 64 -10.11 17.54 4.78
C GLY C 64 -10.54 16.60 5.87
N GLY C 65 -11.52 16.97 6.68
CA GLY C 65 -11.88 16.20 7.84
C GLY C 65 -11.36 16.72 9.17
N ILE C 66 -11.90 16.17 10.25
CA ILE C 66 -11.53 16.53 11.61
C ILE C 66 -10.57 15.50 12.12
N PHE C 67 -9.34 15.94 12.38
CA PHE C 67 -8.27 15.09 12.90
C PHE C 67 -7.10 15.93 13.41
N ASN C 68 -6.31 15.31 14.30
CA ASN C 68 -5.06 15.85 14.80
C ASN C 68 -3.83 15.02 14.37
N ARG C 69 -4.07 13.81 13.89
CA ARG C 69 -3.02 12.91 13.49
C ARG C 69 -3.56 11.87 12.53
N TYR C 70 -2.62 11.13 11.93
CA TYR C 70 -2.92 10.09 10.96
C TYR C 70 -2.55 8.70 11.48
N ASN C 71 -3.21 7.70 10.92
CA ASN C 71 -2.74 6.32 10.94
C ASN C 71 -2.02 6.05 9.61
N ILE C 72 -0.68 5.97 9.63
CA ILE C 72 0.09 5.72 8.43
C ILE C 72 0.02 4.20 8.15
N LEU C 73 -0.50 3.83 7.00
CA LEU C 73 -0.68 2.43 6.64
C LEU C 73 0.47 1.87 5.84
N LYS C 74 1.03 2.72 4.97
CA LYS C 74 2.11 2.32 4.10
C LYS C 74 2.90 3.55 3.56
N ILE C 75 4.21 3.38 3.37
CA ILE C 75 5.03 4.39 2.73
C ILE C 75 5.87 3.64 1.68
N GLN C 76 5.71 4.07 0.43
CA GLN C 76 6.42 3.46 -0.69
C GLN C 76 7.31 4.48 -1.37
N LYS C 77 8.51 4.04 -1.68
CA LYS C 77 9.42 4.77 -2.55
C LYS C 77 9.04 4.59 -4.02
N VAL C 78 8.92 5.68 -4.76
CA VAL C 78 8.50 5.66 -6.17
C VAL C 78 9.75 5.75 -7.04
N CYS C 79 9.95 4.76 -7.91
CA CYS C 79 11.17 4.68 -8.70
C CYS C 79 10.84 4.64 -10.16
N ASN C 80 11.26 5.66 -10.90
CA ASN C 80 11.07 5.68 -12.34
C ASN C 80 12.24 6.47 -12.91
N LYS C 81 13.12 5.74 -13.60
CA LYS C 81 14.37 6.28 -14.16
C LYS C 81 14.11 7.40 -15.15
N LYS C 82 13.16 7.21 -16.05
CA LYS C 82 12.84 8.26 -17.02
C LYS C 82 12.33 9.57 -16.34
N LEU C 83 11.41 9.44 -15.38
CA LEU C 83 10.90 10.62 -14.66
C LEU C 83 11.99 11.25 -13.81
N TRP C 84 12.87 10.42 -13.24
CA TRP C 84 13.94 10.94 -12.43
C TRP C 84 14.88 11.78 -13.29
N GLU C 85 15.23 11.23 -14.45
CA GLU C 85 16.13 11.91 -15.36
C GLU C 85 15.53 13.21 -15.88
N ARG C 86 14.24 13.19 -16.20
CA ARG C 86 13.54 14.39 -16.57
C ARG C 86 13.59 15.47 -15.46
N TYR C 87 13.33 15.05 -14.23
CA TYR C 87 13.46 15.95 -13.05
C TYR C 87 14.90 16.51 -12.88
N THR C 88 15.93 15.67 -12.91
CA THR C 88 17.30 16.15 -12.63
C THR C 88 17.87 17.01 -13.77
N HIS C 89 17.34 16.83 -14.97
CA HIS C 89 17.77 17.66 -16.08
C HIS C 89 17.19 19.06 -15.90
N ARG C 90 15.93 19.13 -15.51
CA ARG C 90 15.32 20.42 -15.25
C ARG C 90 15.95 21.08 -14.01
N ARG C 91 16.25 20.29 -12.97
CA ARG C 91 16.87 20.81 -11.76
C ARG C 91 18.22 21.48 -12.09
N LYS C 92 18.97 20.84 -12.99
CA LYS C 92 20.27 21.39 -13.43
C LYS C 92 20.08 22.73 -14.18
N GLU C 93 19.09 22.82 -15.05
CA GLU C 93 18.77 24.10 -15.75
C GLU C 93 18.39 25.20 -14.77
N VAL C 94 17.57 24.84 -13.80
CA VAL C 94 17.11 25.82 -12.83
C VAL C 94 18.26 26.24 -11.92
N SER C 95 19.04 25.27 -11.46
CA SER C 95 20.17 25.54 -10.60
C SER C 95 21.16 26.54 -11.26
N GLU C 96 21.47 26.28 -12.52
CA GLU C 96 22.39 27.16 -13.27
C GLU C 96 21.83 28.56 -13.41
N GLU C 97 20.56 28.66 -13.77
CA GLU C 97 19.89 29.94 -13.88
C GLU C 97 19.87 30.71 -12.57
N ASN C 98 19.76 29.99 -11.45
CA ASN C 98 19.70 30.61 -10.13
C ASN C 98 21.06 30.56 -9.43
N HIS C 99 22.15 30.63 -10.20
CA HIS C 99 23.50 30.80 -9.64
C HIS C 99 23.97 29.66 -8.74
N ASN C 100 23.78 28.45 -9.29
CA ASN C 100 24.14 27.19 -8.68
CA ASN C 100 24.14 27.19 -8.69
C ASN C 100 23.35 26.92 -7.39
N HIS C 101 22.05 27.17 -7.42
CA HIS C 101 21.16 26.93 -6.24
C HIS C 101 19.80 26.42 -6.73
N ALA C 102 19.61 25.09 -6.64
CA ALA C 102 18.33 24.50 -7.04
C ALA C 102 17.18 24.89 -6.10
N ASN C 103 17.50 25.18 -4.85
CA ASN C 103 16.46 25.51 -3.83
C ASN C 103 15.45 24.37 -3.76
N GLU C 104 15.97 23.16 -3.55
CA GLU C 104 15.16 21.94 -3.59
C GLU C 104 14.59 21.63 -2.23
N ARG C 105 13.28 21.34 -2.19
CA ARG C 105 12.54 21.07 -0.97
C ARG C 105 11.85 19.68 -1.05
N MET C 106 11.46 19.17 0.10
CA MET C 106 10.50 18.05 0.15
C MET C 106 9.15 18.62 0.63
N LEU C 107 8.12 18.39 -0.19
CA LEU C 107 6.79 19.01 0.01
C LEU C 107 5.66 18.07 -0.32
N PHE C 108 4.53 18.22 0.36
CA PHE C 108 3.34 17.39 0.11
C PHE C 108 2.53 17.80 -1.10
N HIS C 109 1.84 16.81 -1.67
CA HIS C 109 0.85 17.01 -2.76
C HIS C 109 -0.25 15.98 -2.66
N GLY C 110 -1.50 16.45 -2.60
CA GLY C 110 -2.65 15.60 -2.46
C GLY C 110 -3.53 15.79 -3.67
N SER C 111 -3.99 14.71 -4.26
CA SER C 111 -4.68 14.82 -5.52
C SER C 111 -5.38 13.51 -5.86
N PRO C 112 -6.55 13.60 -6.49
CA PRO C 112 -7.20 12.40 -7.02
C PRO C 112 -6.39 11.75 -8.14
N PHE C 113 -5.44 12.47 -8.73
CA PHE C 113 -4.66 11.93 -9.85
C PHE C 113 -3.30 11.32 -9.44
N VAL C 114 -3.14 11.05 -8.14
CA VAL C 114 -1.95 10.45 -7.61
C VAL C 114 -1.45 9.20 -8.40
N ASN C 115 -2.38 8.37 -8.88
CA ASN C 115 -2.00 7.16 -9.66
C ASN C 115 -1.35 7.55 -10.97
N ALA C 116 -1.93 8.51 -11.67
CA ALA C 116 -1.36 9.04 -12.91
C ALA C 116 -0.01 9.72 -12.68
N ILE C 117 0.10 10.47 -11.59
CA ILE C 117 1.35 11.17 -11.35
C ILE C 117 2.54 10.22 -11.19
N ILE C 118 2.38 9.18 -10.40
CA ILE C 118 3.51 8.30 -10.13
C ILE C 118 3.94 7.53 -11.40
N HIS C 119 3.01 7.38 -12.34
CA HIS C 119 3.30 6.67 -13.59
C HIS C 119 3.81 7.54 -14.70
N LYS C 120 3.23 8.73 -14.86
CA LYS C 120 3.49 9.59 -16.00
C LYS C 120 4.11 10.91 -15.62
N GLY C 121 4.18 11.20 -14.32
CA GLY C 121 4.82 12.41 -13.86
C GLY C 121 3.85 13.55 -13.74
N PHE C 122 4.32 14.65 -13.16
CA PHE C 122 3.50 15.85 -13.12
C PHE C 122 3.50 16.52 -14.49
N ASP C 123 2.38 17.13 -14.85
CA ASP C 123 2.29 17.99 -16.02
C ASP C 123 1.05 18.88 -15.89
N GLU C 124 0.76 19.65 -16.94
CA GLU C 124 -0.32 20.66 -16.88
C GLU C 124 -1.68 20.11 -16.40
N ARG C 125 -1.96 18.82 -16.57
CA ARG C 125 -3.26 18.28 -16.10
C ARG C 125 -3.36 18.25 -14.57
N HIS C 126 -2.22 18.34 -13.90
CA HIS C 126 -2.18 18.35 -12.40
C HIS C 126 -2.19 19.76 -11.79
N ALA C 127 -2.37 20.77 -12.65
CA ALA C 127 -2.44 22.17 -12.24
C ALA C 127 -3.78 22.54 -11.60
N TYR C 128 -3.71 23.56 -10.74
CA TYR C 128 -4.82 24.13 -10.05
C TYR C 128 -5.07 25.45 -10.71
N ILE C 129 -5.95 25.42 -11.70
CA ILE C 129 -6.14 26.54 -12.60
C ILE C 129 -6.64 27.72 -11.81
N GLY C 130 -7.46 27.47 -10.80
CA GLY C 130 -8.03 28.52 -10.00
C GLY C 130 -7.25 28.86 -8.75
N GLY C 131 -6.01 28.43 -8.65
CA GLY C 131 -5.25 28.68 -7.42
C GLY C 131 -4.93 30.18 -7.26
N MET C 132 -4.87 30.61 -6.02
CA MET C 132 -4.59 32.00 -5.67
C MET C 132 -3.22 32.52 -6.15
N PHE C 133 -2.26 31.65 -6.45
CA PHE C 133 -0.99 32.09 -7.01
C PHE C 133 -0.82 31.69 -8.44
N GLY C 134 -1.92 31.58 -9.17
CA GLY C 134 -1.88 31.30 -10.59
C GLY C 134 -2.04 29.85 -10.91
N ALA C 135 -2.24 29.56 -12.20
CA ALA C 135 -2.45 28.21 -12.71
C ALA C 135 -1.13 27.46 -12.74
N GLY C 136 -0.86 26.74 -11.68
CA GLY C 136 0.38 25.98 -11.58
C GLY C 136 0.11 24.79 -10.67
N ILE C 137 1.14 24.03 -10.39
CA ILE C 137 1.01 22.83 -9.55
C ILE C 137 1.43 23.21 -8.14
N TYR C 138 0.53 22.94 -7.19
CA TYR C 138 0.64 23.38 -5.80
C TYR C 138 1.20 22.30 -4.89
N PHE C 139 2.03 22.70 -3.91
CA PHE C 139 2.59 21.81 -2.93
C PHE C 139 2.49 22.53 -1.56
N ALA C 140 2.46 21.76 -0.49
CA ALA C 140 2.34 22.29 0.88
C ALA C 140 3.39 21.76 1.82
N GLU C 141 3.82 22.65 2.72
CA GLU C 141 4.58 22.23 3.90
C GLU C 141 3.72 21.52 4.93
N ASN C 142 2.46 21.94 5.08
CA ASN C 142 1.51 21.24 6.01
C ASN C 142 0.94 20.03 5.30
N SER C 143 1.20 18.84 5.80
CA SER C 143 0.54 17.65 5.30
C SER C 143 -1.00 17.81 5.25
N SER C 144 -1.57 18.44 6.28
CA SER C 144 -3.01 18.54 6.45
C SER C 144 -3.58 19.49 5.37
N LYS C 145 -2.77 20.40 4.80
CA LYS C 145 -3.20 21.28 3.69
C LYS C 145 -3.36 20.41 2.44
N SER C 146 -2.34 19.59 2.12
CA SER C 146 -2.46 18.63 0.98
C SER C 146 -3.59 17.64 1.17
N ASN C 147 -3.84 17.23 2.42
CA ASN C 147 -4.95 16.30 2.71
C ASN C 147 -6.31 16.90 2.26
N GLN C 148 -6.42 18.23 2.26
CA GLN C 148 -7.67 18.89 1.82
C GLN C 148 -7.95 18.69 0.32
N TYR C 149 -6.94 18.26 -0.46
CA TYR C 149 -7.05 18.13 -1.90
C TYR C 149 -7.09 16.66 -2.39
N VAL C 150 -6.94 15.73 -1.46
CA VAL C 150 -6.94 14.30 -1.81
C VAL C 150 -8.18 13.84 -2.58
N TYR C 151 -9.33 14.32 -2.15
CA TYR C 151 -10.58 13.98 -2.82
C TYR C 151 -11.03 15.04 -3.84
N GLY C 152 -10.16 16.00 -4.17
CA GLY C 152 -10.48 17.08 -5.07
C GLY C 152 -10.43 18.44 -4.45
N ILE C 153 -10.59 19.48 -5.27
CA ILE C 153 -10.64 20.85 -4.75
C ILE C 153 -11.70 20.96 -3.68
N GLY C 154 -11.36 21.51 -2.52
CA GLY C 154 -12.36 21.65 -1.47
C GLY C 154 -12.75 20.33 -0.79
N GLY C 155 -11.94 19.30 -1.03
CA GLY C 155 -12.28 17.93 -0.63
C GLY C 155 -13.31 17.22 -1.51
N GLY C 156 -13.72 17.86 -2.62
CA GLY C 156 -14.73 17.34 -3.53
C GLY C 156 -15.95 16.92 -2.76
N THR C 157 -16.44 15.71 -2.99
CA THR C 157 -17.55 15.15 -2.21
C THR C 157 -17.08 14.06 -1.23
N GLY C 158 -15.78 14.06 -0.89
CA GLY C 158 -15.24 13.17 0.10
C GLY C 158 -14.92 11.80 -0.46
N CYS C 159 -14.84 10.81 0.38
CA CYS C 159 -14.42 9.50 -0.12
C CYS C 159 -15.44 8.92 -1.11
N PRO C 160 -14.98 8.09 -2.04
CA PRO C 160 -15.94 7.47 -2.99
C PRO C 160 -17.02 6.64 -2.33
N VAL C 161 -16.65 5.87 -1.31
CA VAL C 161 -17.55 4.91 -0.67
C VAL C 161 -18.63 5.55 0.16
N HIS C 162 -18.28 6.55 0.98
CA HIS C 162 -19.23 7.12 1.96
C HIS C 162 -19.59 8.56 1.66
N LYS C 163 -18.97 9.17 0.65
CA LYS C 163 -19.15 10.61 0.37
C LYS C 163 -18.91 11.44 1.62
N ASP C 164 -17.82 11.15 2.31
CA ASP C 164 -17.56 11.77 3.60
C ASP C 164 -16.15 12.37 3.56
N ARG C 165 -16.05 13.72 3.59
CA ARG C 165 -14.78 14.40 3.56
C ARG C 165 -13.97 14.13 4.84
N SER C 166 -14.66 13.72 5.91
CA SER C 166 -13.99 13.35 7.15
C SER C 166 -13.99 11.84 7.41
N CYS C 167 -14.02 11.06 6.34
CA CYS C 167 -14.12 9.59 6.48
C CYS C 167 -12.87 9.09 7.22
N TYR C 168 -13.09 8.30 8.27
CA TYR C 168 -12.02 7.69 9.10
C TYR C 168 -11.74 6.23 8.70
N ILE C 169 -12.47 5.74 7.71
CA ILE C 169 -12.42 4.32 7.29
C ILE C 169 -11.59 4.17 6.05
N CYS C 170 -11.90 4.98 5.05
CA CYS C 170 -11.29 4.87 3.72
C CYS C 170 -9.84 5.32 3.70
N HIS C 171 -9.06 4.57 2.95
CA HIS C 171 -7.62 4.81 2.77
C HIS C 171 -7.33 5.96 1.84
N ARG C 172 -6.50 6.91 2.29
CA ARG C 172 -6.10 8.07 1.50
C ARG C 172 -4.63 7.93 1.09
N GLN C 173 -4.27 8.59 0.00
CA GLN C 173 -2.89 8.65 -0.47
C GLN C 173 -2.42 10.08 -0.70
N LEU C 174 -1.21 10.41 -0.21
CA LEU C 174 -0.55 11.71 -0.45
C LEU C 174 0.81 11.40 -1.05
N LEU C 175 1.39 12.36 -1.78
CA LEU C 175 2.75 12.22 -2.26
C LEU C 175 3.60 13.14 -1.44
N PHE C 176 4.83 12.72 -1.15
CA PHE C 176 5.82 13.60 -0.52
C PHE C 176 6.89 13.69 -1.60
N CYS C 177 7.05 14.90 -2.13
CA CYS C 177 7.75 15.11 -3.39
C CYS C 177 8.97 15.98 -3.26
N ARG C 178 9.96 15.68 -4.09
CA ARG C 178 11.14 16.51 -4.26
C ARG C 178 10.76 17.61 -5.26
N VAL C 179 10.89 18.88 -4.84
CA VAL C 179 10.47 20.03 -5.65
C VAL C 179 11.57 21.05 -5.80
N THR C 180 11.86 21.40 -7.04
CA THR C 180 12.90 22.41 -7.37
C THR C 180 12.23 23.79 -7.43
N LEU C 181 12.52 24.65 -6.46
CA LEU C 181 11.92 26.02 -6.43
C LEU C 181 12.69 27.08 -7.19
N GLY C 182 13.99 26.91 -7.33
CA GLY C 182 14.85 27.92 -7.95
C GLY C 182 14.74 29.25 -7.21
N LYS C 183 14.74 30.31 -7.99
CA LYS C 183 14.40 31.62 -7.48
C LYS C 183 12.91 31.71 -7.31
N SER C 184 12.46 31.78 -6.05
CA SER C 184 11.06 31.72 -5.76
C SER C 184 10.50 33.11 -5.42
N PHE C 185 9.41 33.47 -6.07
CA PHE C 185 8.82 34.76 -5.83
C PHE C 185 8.01 34.69 -4.55
N LEU C 186 8.35 35.50 -3.55
CA LEU C 186 7.60 35.51 -2.32
C LEU C 186 6.31 36.29 -2.39
N GLN C 187 5.22 35.61 -2.15
CA GLN C 187 3.91 36.24 -2.15
C GLN C 187 3.30 36.04 -0.80
N PHE C 188 3.17 37.10 -0.01
CA PHE C 188 2.45 37.00 1.24
C PHE C 188 0.98 36.86 0.91
N SER C 189 0.28 36.09 1.71
CA SER C 189 -1.12 35.84 1.41
C SER C 189 -1.92 36.10 2.64
N ALA C 190 -3.15 36.51 2.41
CA ALA C 190 -4.01 36.97 3.47
C ALA C 190 -4.57 35.82 4.33
N MET C 191 -4.22 34.58 3.99
CA MET C 191 -4.67 33.41 4.76
C MET C 191 -3.87 33.24 6.08
N MET D 2 -1.66 26.05 -17.99
CA MET D 2 -0.58 26.39 -17.01
C MET D 2 0.06 27.79 -17.26
N ALA D 3 0.13 28.60 -16.19
CA ALA D 3 0.67 29.95 -16.25
C ALA D 3 2.19 29.90 -16.32
N HIS D 4 2.80 31.04 -16.53
CA HIS D 4 4.25 31.14 -16.59
C HIS D 4 4.69 31.58 -15.21
N SER D 5 5.91 31.21 -14.84
CA SER D 5 6.52 31.74 -13.62
C SER D 5 6.65 33.24 -13.78
N PRO D 6 6.61 33.98 -12.66
CA PRO D 6 6.94 35.40 -12.67
C PRO D 6 8.28 35.62 -13.32
N PRO D 7 8.40 36.68 -14.15
CA PRO D 7 9.66 37.00 -14.79
C PRO D 7 10.88 36.86 -13.88
N GLY D 8 11.83 36.09 -14.35
CA GLY D 8 13.06 35.90 -13.63
C GLY D 8 12.92 34.99 -12.42
N HIS D 9 11.78 34.30 -12.28
CA HIS D 9 11.57 33.35 -11.16
C HIS D 9 11.19 31.95 -11.65
N HIS D 10 11.36 30.95 -10.80
CA HIS D 10 11.04 29.55 -11.14
C HIS D 10 9.87 28.95 -10.38
N SER D 11 9.30 29.71 -9.45
CA SER D 11 8.28 29.21 -8.58
C SER D 11 7.75 30.40 -7.80
N VAL D 12 6.64 30.17 -7.12
CA VAL D 12 6.05 31.13 -6.19
C VAL D 12 5.91 30.50 -4.84
N THR D 13 6.29 31.26 -3.81
CA THR D 13 6.13 30.91 -2.43
C THR D 13 4.92 31.71 -1.89
N GLY D 14 3.86 30.99 -1.57
CA GLY D 14 2.66 31.55 -0.94
C GLY D 14 2.81 31.44 0.53
N ARG D 15 2.98 32.57 1.21
CA ARG D 15 3.22 32.55 2.64
C ARG D 15 2.08 33.17 3.44
N PRO D 16 1.33 32.35 4.20
CA PRO D 16 0.24 32.85 5.05
C PRO D 16 0.74 33.94 5.97
N SER D 17 0.10 35.10 5.97
CA SER D 17 0.52 36.14 6.89
C SER D 17 -0.48 36.42 8.05
N VAL D 18 -1.65 35.77 8.06
CA VAL D 18 -2.62 35.95 9.15
C VAL D 18 -2.59 34.80 10.15
N ASN D 19 -2.69 33.57 9.67
CA ASN D 19 -2.58 32.43 10.59
C ASN D 19 -1.12 32.12 10.80
N GLY D 20 -0.60 32.42 11.99
CA GLY D 20 0.84 32.31 12.20
C GLY D 20 1.32 30.88 12.41
N LEU D 21 0.38 29.92 12.48
CA LEU D 21 0.72 28.50 12.49
C LEU D 21 0.61 27.84 11.13
N ALA D 22 0.19 28.57 10.11
CA ALA D 22 0.05 27.99 8.78
C ALA D 22 1.37 28.06 8.05
N LEU D 23 1.82 26.95 7.51
CA LEU D 23 3.09 26.93 6.77
C LEU D 23 2.93 27.35 5.32
N ALA D 24 4.02 27.40 4.58
CA ALA D 24 3.94 27.90 3.22
C ALA D 24 3.38 26.88 2.24
N GLU D 25 2.88 27.43 1.14
CA GLU D 25 2.45 26.68 -0.04
C GLU D 25 3.34 27.13 -1.18
N TYR D 26 3.57 26.25 -2.15
CA TYR D 26 4.46 26.57 -3.25
C TYR D 26 3.86 26.15 -4.58
N VAL D 27 4.17 26.93 -5.62
CA VAL D 27 3.65 26.70 -6.97
C VAL D 27 4.78 26.65 -7.94
N ILE D 28 4.73 25.61 -8.78
CA ILE D 28 5.62 25.49 -9.92
C ILE D 28 4.79 25.46 -11.18
N TYR D 29 5.44 25.85 -12.27
CA TYR D 29 4.75 26.03 -13.53
C TYR D 29 5.30 25.10 -14.61
N ARG D 30 6.10 24.15 -14.19
CA ARG D 30 6.63 23.12 -15.10
C ARG D 30 6.54 21.82 -14.33
N GLY D 31 5.90 20.79 -14.89
CA GLY D 31 5.85 19.49 -14.21
C GLY D 31 7.20 18.85 -13.90
N GLU D 32 8.21 19.14 -14.73
CA GLU D 32 9.54 18.60 -14.53
C GLU D 32 10.29 19.10 -13.31
N GLN D 33 9.77 20.13 -12.65
CA GLN D 33 10.34 20.63 -11.40
C GLN D 33 9.83 19.94 -10.14
N ALA D 34 9.14 18.81 -10.28
CA ALA D 34 8.78 17.98 -9.11
C ALA D 34 8.93 16.51 -9.43
N TYR D 35 9.37 15.72 -8.43
CA TYR D 35 9.46 14.28 -8.58
C TYR D 35 8.68 13.63 -7.43
N PRO D 36 7.75 12.72 -7.73
CA PRO D 36 6.93 12.14 -6.65
C PRO D 36 7.68 11.04 -5.89
N GLU D 37 8.51 11.40 -4.92
CA GLU D 37 9.43 10.45 -4.35
C GLU D 37 8.81 9.38 -3.45
N TYR D 38 7.82 9.75 -2.63
CA TYR D 38 7.16 8.84 -1.70
C TYR D 38 5.64 8.88 -1.89
N LEU D 39 5.06 7.69 -1.90
CA LEU D 39 3.62 7.52 -1.88
C LEU D 39 3.21 7.02 -0.51
N ILE D 40 2.40 7.80 0.19
CA ILE D 40 2.00 7.53 1.56
C ILE D 40 0.52 7.19 1.59
N THR D 41 0.19 6.02 2.15
CA THR D 41 -1.19 5.53 2.31
C THR D 41 -1.54 5.63 3.79
N TYR D 42 -2.69 6.26 4.10
CA TYR D 42 -3.01 6.67 5.45
C TYR D 42 -4.54 6.81 5.66
N GLN D 43 -4.94 6.79 6.91
CA GLN D 43 -6.26 7.25 7.32
C GLN D 43 -6.08 8.48 8.24
N ILE D 44 -7.06 9.37 8.21
CA ILE D 44 -7.15 10.38 9.27
C ILE D 44 -7.77 9.67 10.47
N MET D 45 -7.39 10.10 11.67
CA MET D 45 -7.83 9.48 12.91
C MET D 45 -8.83 10.40 13.63
N ARG D 46 -9.94 9.81 14.05
CA ARG D 46 -10.95 10.58 14.82
C ARG D 46 -10.41 11.00 16.18
N PRO D 47 -10.48 12.30 16.54
CA PRO D 47 -9.90 12.66 17.83
C PRO D 47 -10.63 12.01 19.00
N GLU D 48 -9.91 11.77 20.09
CA GLU D 48 -10.56 11.42 21.36
C GLU D 48 -10.78 12.70 22.15
ZN ZN E . 18.46 -19.43 -3.04
S SO4 F . 1.18 -5.23 -5.31
O1 SO4 F . 1.26 -5.27 -6.76
O2 SO4 F . -0.25 -5.33 -4.94
O3 SO4 F . 1.80 -6.37 -4.63
O4 SO4 F . 1.51 -3.95 -4.71
S SO4 G . 7.69 -17.62 -19.10
O1 SO4 G . 8.79 -17.53 -20.09
O2 SO4 G . 6.47 -18.27 -19.62
O3 SO4 G . 8.10 -18.39 -17.87
O4 SO4 G . 7.32 -16.23 -18.76
CAA 1UT H . 5.00 -11.29 10.30
NAB 1UT H . 4.50 -12.58 9.76
CAC 1UT H . 4.53 -13.78 10.60
CAD 1UT H . 3.78 -12.62 8.58
CAI 1UT H . 3.35 -11.44 7.97
CAH 1UT H . 2.62 -11.46 6.77
CAE 1UT H . 3.42 -13.83 8.00
CAF 1UT H . 2.66 -13.85 6.81
CAG 1UT H . 2.25 -12.68 6.17
CAJ 1UT H . 1.46 -12.69 4.98
OAT 1UT H . 0.98 -11.49 4.63
CAS 1UT H . 0.15 -11.36 3.53
CAR 1UT H . -0.34 -10.10 3.25
CAQ 1UT H . -1.24 -9.92 2.19
CAP 1UT H . -1.65 -11.05 1.44
CAO 1UT H . -1.13 -12.35 1.76
CAN 1UT H . -0.23 -12.51 2.82
CAL 1UT H . 0.30 -13.78 3.12
OAM 1UT H . 0.18 -14.79 2.36
CAK 1UT H . 1.14 -13.82 4.23
C1 GOL I . -12.20 -0.70 -10.12
O1 GOL I . -13.26 -1.55 -10.71
C2 GOL I . -10.81 -1.35 -10.01
O2 GOL I . -10.03 -0.80 -8.91
C3 GOL I . -10.06 -1.15 -11.34
O3 GOL I . -8.91 -0.35 -11.12
ZN ZN J . -15.18 6.40 3.26
S SO4 K . -6.98 26.89 5.87
O1 SO4 K . -8.13 25.95 5.75
O2 SO4 K . -7.48 28.10 5.24
O3 SO4 K . -6.73 27.06 7.31
O4 SO4 K . -5.93 26.27 5.11
S SO4 L . -6.25 12.63 19.30
O1 SO4 L . -6.22 11.98 17.95
O2 SO4 L . -7.24 11.97 20.19
O3 SO4 L . -6.67 14.02 19.25
O4 SO4 L . -4.89 12.54 19.86
CAA 1UT M . -6.17 18.37 -10.25
NAB 1UT M . -6.47 19.57 -9.48
CAC 1UT M . -7.37 20.61 -10.07
CAD 1UT M . -5.80 19.84 -8.32
CAI 1UT M . -4.90 18.91 -7.75
CAH 1UT M . -4.20 19.20 -6.59
CAE 1UT M . -5.94 21.04 -7.65
CAF 1UT M . -5.21 21.35 -6.48
CAG 1UT M . -4.33 20.43 -5.92
CAJ 1UT M . -3.60 20.73 -4.74
OAT 1UT M . -3.71 22.04 -4.32
CAS 1UT M . -3.00 22.49 -3.25
CAR 1UT M . -3.14 23.83 -2.91
CAQ 1UT M . -2.39 24.34 -1.86
CAP 1UT M . -1.49 23.50 -1.16
CAO 1UT M . -1.37 22.15 -1.52
CAN 1UT M . -2.12 21.63 -2.56
CAL 1UT M . -2.04 20.26 -2.92
OAM 1UT M . -1.37 19.43 -2.27
CAK 1UT M . -2.74 19.86 -4.06
#